data_4N7U
#
_entry.id   4N7U
#
_cell.length_a   38.980
_cell.length_b   44.952
_cell.length_c   125.262
_cell.angle_alpha   90.000
_cell.angle_beta   90.000
_cell.angle_gamma   90.000
#
_symmetry.space_group_name_H-M   'P 2 21 21'
#
loop_
_entity.id
_entity.type
_entity.pdbx_description
1 polymer 'Butyrophilin subfamily 3 member A1'
2 non-polymer '[(E)-4-methyl-5-oxidanyl-pent-3-enyl]-phosphonooxy-phosphinic acid'
3 non-polymer GLYCEROL
4 water water
#
_entity_poly.entity_id   1
_entity_poly.type   'polypeptide(L)'
_entity_poly.pdbx_seq_one_letter_code
;MGAYNEWKKALFKPADVILDPKTADPILLVSEDQRSVERAKEPQDLPDNPERFNWHYCVLGCESFISGRHYWEVEVGDRK
EWHIGVCSKNVQRKGWVKMTPENGFWTMGLTDGNKYRTLTEPRTNLKLPKPPKKVGVFLDYETGDISFYNAVDGSHIHTF
LDVSFSEALYPVFRILTLEPTALTICPALE
;
_entity_poly.pdbx_strand_id   A
#
loop_
_chem_comp.id
_chem_comp.type
_chem_comp.name
_chem_comp.formula
2JA non-polymer '[(E)-4-methyl-5-oxidanyl-pent-3-enyl]-phosphonooxy-phosphinic acid' 'C6 H14 O7 P2'
GOL non-polymer GLYCEROL 'C3 H8 O3'
#
# COMPACT_ATOMS: atom_id res chain seq x y z
N GLY A 2 19.18 5.98 -12.95
CA GLY A 2 18.42 6.68 -13.98
C GLY A 2 17.68 7.89 -13.45
N ALA A 3 16.80 8.44 -14.28
CA ALA A 3 16.04 9.64 -13.92
C ALA A 3 15.18 9.43 -12.68
N TYR A 4 14.59 8.24 -12.56
CA TYR A 4 13.78 7.90 -11.39
C TYR A 4 14.56 8.11 -10.11
N ASN A 5 15.76 7.54 -10.05
CA ASN A 5 16.62 7.65 -8.88
C ASN A 5 17.09 9.08 -8.65
N GLU A 6 17.45 9.76 -9.73
CA GLU A 6 18.02 11.10 -9.64
C GLU A 6 17.01 12.19 -9.30
N TRP A 7 15.75 11.98 -9.67
CA TRP A 7 14.73 13.04 -9.59
C TRP A 7 13.69 12.87 -8.50
N LYS A 8 13.52 11.65 -7.99
CA LYS A 8 12.38 11.36 -7.10
C LYS A 8 12.31 12.26 -5.86
N LYS A 9 13.46 12.53 -5.24
CA LYS A 9 13.50 13.35 -4.04
C LYS A 9 13.40 14.84 -4.35
N ALA A 10 13.68 15.20 -5.60
CA ALA A 10 13.59 16.59 -6.03
C ALA A 10 12.14 17.00 -6.22
N LEU A 11 11.28 16.01 -6.47
CA LEU A 11 9.89 16.25 -6.81
C LEU A 11 8.94 15.79 -5.72
N PHE A 12 9.32 14.75 -4.99
CA PHE A 12 8.49 14.20 -3.92
C PHE A 12 9.29 14.11 -2.64
N LYS A 13 8.68 14.47 -1.51
CA LYS A 13 9.35 14.33 -0.22
C LYS A 13 9.36 12.87 0.19
N PRO A 14 10.56 12.32 0.46
CA PRO A 14 10.65 10.92 0.89
C PRO A 14 10.01 10.72 2.26
N ALA A 15 8.95 9.94 2.30
CA ALA A 15 8.28 9.61 3.55
C ALA A 15 9.02 8.48 4.27
N ASP A 16 9.27 8.66 5.56
CA ASP A 16 9.79 7.58 6.38
C ASP A 16 8.61 6.84 6.98
N VAL A 17 8.13 5.83 6.26
CA VAL A 17 6.94 5.11 6.66
C VAL A 17 7.26 3.92 7.56
N ILE A 18 6.67 3.92 8.76
CA ILE A 18 6.70 2.75 9.62
C ILE A 18 5.29 2.27 9.92
N LEU A 19 5.13 0.95 10.02
CA LEU A 19 3.83 0.33 10.24
C LEU A 19 3.32 0.58 11.65
N ASP A 20 2.02 0.81 11.76
CA ASP A 20 1.35 1.03 13.04
C ASP A 20 0.74 -0.28 13.50
N PRO A 21 1.35 -0.93 14.50
CA PRO A 21 0.89 -2.24 14.99
C PRO A 21 -0.56 -2.20 15.51
N LYS A 22 -1.02 -1.03 15.94
CA LYS A 22 -2.37 -0.88 16.46
C LYS A 22 -3.45 -0.99 15.38
N THR A 23 -3.04 -0.83 14.13
CA THR A 23 -3.98 -0.87 13.00
C THR A 23 -4.02 -2.24 12.34
N ALA A 24 -2.99 -3.05 12.60
CA ALA A 24 -2.82 -4.33 11.91
C ALA A 24 -3.82 -5.39 12.34
N ASP A 25 -4.46 -6.02 11.35
CA ASP A 25 -5.29 -7.19 11.59
C ASP A 25 -4.52 -8.21 12.40
N PRO A 26 -5.17 -8.82 13.41
CA PRO A 26 -4.50 -9.75 14.32
C PRO A 26 -3.79 -10.93 13.64
N ILE A 27 -4.12 -11.22 12.38
CA ILE A 27 -3.44 -12.29 11.64
C ILE A 27 -2.13 -11.78 11.04
N LEU A 28 -1.91 -10.47 11.13
CA LEU A 28 -0.69 -9.86 10.62
C LEU A 28 0.36 -9.69 11.71
N LEU A 29 1.62 -9.78 11.32
CA LEU A 29 2.73 -9.57 12.25
C LEU A 29 3.59 -8.42 11.76
N VAL A 30 3.73 -7.40 12.61
CA VAL A 30 4.60 -6.27 12.28
C VAL A 30 5.97 -6.49 12.91
N SER A 31 7.02 -6.34 12.11
CA SER A 31 8.38 -6.56 12.57
C SER A 31 8.79 -5.58 13.67
N GLU A 32 9.84 -5.92 14.40
CA GLU A 32 10.37 -5.07 15.47
C GLU A 32 10.74 -3.68 14.97
N ASP A 33 11.34 -3.61 13.79
CA ASP A 33 11.74 -2.31 13.22
C ASP A 33 10.57 -1.61 12.55
N GLN A 34 9.40 -2.27 12.54
CA GLN A 34 8.15 -1.71 12.01
C GLN A 34 8.18 -1.34 10.52
N ARG A 35 9.00 -2.06 9.76
CA ARG A 35 9.11 -1.83 8.31
C ARG A 35 8.52 -3.00 7.53
N SER A 36 8.44 -4.16 8.19
CA SER A 36 8.02 -5.38 7.52
C SER A 36 6.74 -5.96 8.11
N VAL A 37 5.95 -6.60 7.26
CA VAL A 37 4.73 -7.25 7.72
C VAL A 37 4.68 -8.68 7.17
N GLU A 38 4.29 -9.61 8.02
CA GLU A 38 4.08 -10.99 7.61
C GLU A 38 2.70 -11.46 8.05
N ARG A 39 2.30 -12.63 7.58
CA ARG A 39 1.04 -13.22 8.01
C ARG A 39 1.32 -14.40 8.94
N ALA A 40 0.47 -14.58 9.94
CA ALA A 40 0.56 -15.73 10.82
C ALA A 40 -0.42 -16.80 10.34
N LYS A 41 -0.22 -18.03 10.76
CA LYS A 41 -1.12 -19.07 10.44
C LYS A 41 -2.48 -18.82 11.05
N GLU A 42 -2.49 -18.31 12.28
CA GLU A 42 -3.70 -18.01 13.04
C GLU A 42 -3.65 -16.61 13.64
N PRO A 43 -4.83 -16.00 13.86
CA PRO A 43 -4.89 -14.67 14.47
C PRO A 43 -4.25 -14.63 15.85
N GLN A 44 -3.53 -13.56 16.14
CA GLN A 44 -2.97 -13.37 17.48
C GLN A 44 -4.07 -12.88 18.41
N ASP A 45 -3.82 -12.98 19.71
CA ASP A 45 -4.76 -12.44 20.69
C ASP A 45 -4.45 -10.98 20.94
N LEU A 46 -5.17 -10.08 20.31
CA LEU A 46 -4.98 -8.65 20.42
C LEU A 46 -6.31 -7.98 20.67
N PRO A 47 -6.31 -6.79 21.26
CA PRO A 47 -7.53 -6.01 21.47
C PRO A 47 -8.17 -5.59 20.19
N ASP A 48 -9.48 -5.50 20.13
CA ASP A 48 -10.18 -4.97 18.99
C ASP A 48 -10.37 -3.48 19.22
N ASN A 49 -9.26 -2.77 19.31
CA ASN A 49 -9.28 -1.36 19.47
C ASN A 49 -9.76 -0.72 18.18
N PRO A 50 -10.29 0.51 18.29
CA PRO A 50 -10.99 1.08 17.15
C PRO A 50 -10.13 1.27 15.87
N GLU A 51 -8.85 1.45 16.05
CA GLU A 51 -7.94 1.73 14.95
C GLU A 51 -7.60 0.47 14.14
N ARG A 52 -7.93 -0.70 14.69
CA ARG A 52 -7.51 -1.95 14.08
C ARG A 52 -8.48 -2.49 13.02
N PHE A 53 -7.94 -2.82 11.85
CA PHE A 53 -8.70 -3.56 10.85
C PHE A 53 -8.97 -4.95 11.41
N ASN A 54 -10.24 -5.29 11.58
CA ASN A 54 -10.59 -6.58 12.17
C ASN A 54 -11.05 -7.64 11.17
N TRP A 55 -11.25 -7.22 9.92
CA TRP A 55 -11.62 -8.17 8.86
C TRP A 55 -10.59 -8.20 7.74
N HIS A 56 -10.31 -7.05 7.15
CA HIS A 56 -9.32 -6.97 6.08
C HIS A 56 -7.92 -7.19 6.67
N TYR A 57 -7.10 -7.96 5.95
CA TYR A 57 -5.74 -8.23 6.40
C TYR A 57 -4.86 -7.03 6.07
N CYS A 58 -5.15 -5.89 6.68
CA CYS A 58 -4.48 -4.64 6.36
C CYS A 58 -3.73 -4.04 7.54
N VAL A 59 -2.76 -3.22 7.25
CA VAL A 59 -2.05 -2.42 8.24
C VAL A 59 -1.74 -1.04 7.61
N LEU A 60 -1.71 -0.01 8.48
CA LEU A 60 -1.44 1.35 8.02
C LEU A 60 -0.07 1.85 8.46
N GLY A 61 0.40 2.91 7.81
CA GLY A 61 1.55 3.64 8.30
C GLY A 61 1.12 4.45 9.51
N CYS A 62 2.09 4.91 10.30
CA CYS A 62 1.77 5.67 11.51
C CYS A 62 1.29 7.10 11.19
N GLU A 63 1.70 7.65 10.09
CA GLU A 63 1.46 9.03 9.74
CA GLU A 63 1.52 9.04 9.69
C GLU A 63 0.68 9.19 8.41
N SER A 64 -0.22 10.17 8.42
CA SER A 64 -1.05 10.42 7.25
C SER A 64 -0.67 11.74 6.57
N PHE A 65 -1.20 11.96 5.37
CA PHE A 65 -0.87 13.15 4.59
C PHE A 65 -2.13 13.94 4.25
N ILE A 66 -2.06 15.26 4.38
CA ILE A 66 -3.20 16.11 4.03
C ILE A 66 -2.83 17.13 2.95
N SER A 67 -1.56 17.14 2.57
CA SER A 67 -1.06 18.05 1.55
C SER A 67 0.29 17.61 1.01
N GLY A 68 0.70 18.21 -0.11
CA GLY A 68 2.06 18.04 -0.62
C GLY A 68 2.33 16.80 -1.46
N ARG A 69 3.60 16.65 -1.84
CA ARG A 69 4.03 15.51 -2.63
C ARG A 69 4.90 14.59 -1.79
N HIS A 70 4.58 13.30 -1.80
CA HIS A 70 5.30 12.34 -0.97
C HIS A 70 5.50 11.01 -1.68
N TYR A 71 6.53 10.28 -1.28
CA TYR A 71 6.77 8.95 -1.83
C TYR A 71 7.41 8.00 -0.83
N TRP A 72 7.16 6.72 -1.03
CA TRP A 72 7.85 5.68 -0.30
C TRP A 72 8.03 4.46 -1.20
N GLU A 73 8.97 3.60 -0.85
CA GLU A 73 9.25 2.42 -1.66
C GLU A 73 9.06 1.13 -0.88
N VAL A 74 8.52 0.13 -1.55
CA VAL A 74 8.19 -1.14 -0.91
C VAL A 74 8.84 -2.30 -1.66
N GLU A 75 9.62 -3.10 -0.94
CA GLU A 75 10.17 -4.31 -1.57
C GLU A 75 9.16 -5.42 -1.51
N VAL A 76 8.59 -5.75 -2.67
CA VAL A 76 7.61 -6.83 -2.76
C VAL A 76 8.31 -8.15 -3.02
N GLY A 77 9.52 -8.07 -3.54
CA GLY A 77 10.32 -9.25 -3.81
C GLY A 77 9.63 -10.28 -4.68
N ASP A 78 9.76 -11.55 -4.29
CA ASP A 78 9.16 -12.63 -5.05
C ASP A 78 7.83 -13.09 -4.47
N ARG A 79 7.18 -12.22 -3.70
CA ARG A 79 5.86 -12.51 -3.17
C ARG A 79 4.86 -12.76 -4.31
N LYS A 80 3.96 -13.71 -4.10
CA LYS A 80 2.98 -14.07 -5.12
C LYS A 80 1.72 -13.23 -4.96
N GLU A 81 1.63 -12.52 -3.84
CA GLU A 81 0.43 -11.77 -3.52
C GLU A 81 0.74 -10.61 -2.60
N TRP A 82 0.21 -9.43 -2.95
CA TRP A 82 0.35 -8.22 -2.15
C TRP A 82 -0.47 -7.10 -2.77
N HIS A 83 -0.89 -6.16 -1.94
CA HIS A 83 -1.54 -4.95 -2.42
C HIS A 83 -1.10 -3.77 -1.56
N ILE A 84 -0.72 -2.68 -2.20
CA ILE A 84 -0.25 -1.49 -1.51
C ILE A 84 -0.84 -0.24 -2.14
N GLY A 85 -0.76 0.87 -1.43
CA GLY A 85 -1.28 2.14 -1.92
C GLY A 85 -1.58 3.05 -0.76
N VAL A 86 -2.65 3.83 -0.88
CA VAL A 86 -3.08 4.68 0.21
C VAL A 86 -4.57 4.50 0.45
N CYS A 87 -5.02 4.91 1.64
CA CYS A 87 -6.43 4.89 1.95
C CYS A 87 -6.79 6.08 2.83
N SER A 88 -8.06 6.48 2.79
CA SER A 88 -8.52 7.60 3.60
C SER A 88 -8.51 7.21 5.07
N LYS A 89 -8.29 8.19 5.94
CA LYS A 89 -8.32 7.99 7.39
C LYS A 89 -9.65 7.41 7.85
N ASN A 90 -10.69 7.72 7.11
CA ASN A 90 -12.07 7.39 7.52
CA ASN A 90 -12.03 7.36 7.56
C ASN A 90 -12.61 6.08 6.96
N VAL A 91 -11.76 5.24 6.38
CA VAL A 91 -12.23 3.97 5.83
C VAL A 91 -12.84 3.11 6.92
N GLN A 92 -13.77 2.24 6.52
CA GLN A 92 -14.38 1.31 7.45
C GLN A 92 -13.38 0.24 7.84
N ARG A 93 -13.02 0.22 9.12
CA ARG A 93 -12.00 -0.71 9.61
C ARG A 93 -12.60 -1.96 10.24
N LYS A 94 -13.88 -1.86 10.61
CA LYS A 94 -14.57 -3.01 11.20
C LYS A 94 -15.50 -3.64 10.16
N GLY A 95 -15.39 -4.95 10.00
CA GLY A 95 -16.21 -5.66 9.04
C GLY A 95 -15.68 -5.45 7.63
N TRP A 96 -16.48 -5.82 6.64
CA TRP A 96 -16.04 -5.78 5.25
C TRP A 96 -16.74 -4.73 4.41
N VAL A 97 -15.94 -4.00 3.64
CA VAL A 97 -16.44 -3.31 2.45
C VAL A 97 -15.36 -3.55 1.40
N LYS A 98 -15.73 -3.46 0.13
CA LYS A 98 -14.76 -3.70 -0.93
C LYS A 98 -13.73 -2.59 -0.99
N MET A 99 -12.46 -2.98 -1.11
CA MET A 99 -11.38 -2.00 -1.22
C MET A 99 -11.35 -1.40 -2.62
N THR A 100 -12.06 -0.28 -2.77
CA THR A 100 -12.18 0.46 -4.03
C THR A 100 -12.03 1.95 -3.71
N PRO A 101 -11.73 2.77 -4.73
CA PRO A 101 -11.64 4.22 -4.52
C PRO A 101 -12.91 4.84 -3.93
N GLU A 102 -14.08 4.33 -4.31
CA GLU A 102 -15.34 4.85 -3.77
C GLU A 102 -15.50 4.59 -2.27
N ASN A 103 -14.77 3.60 -1.77
CA ASN A 103 -14.77 3.29 -0.35
C ASN A 103 -13.50 3.82 0.34
N GLY A 104 -12.72 4.59 -0.40
CA GLY A 104 -11.58 5.27 0.16
C GLY A 104 -10.26 4.50 0.09
N PHE A 105 -10.17 3.55 -0.84
CA PHE A 105 -8.93 2.80 -1.02
C PHE A 105 -8.38 3.00 -2.42
N TRP A 106 -7.12 3.43 -2.52
CA TRP A 106 -6.47 3.52 -3.81
C TRP A 106 -5.22 2.64 -3.83
N THR A 107 -5.41 1.40 -4.25
CA THR A 107 -4.35 0.40 -4.20
C THR A 107 -4.25 -0.39 -5.51
N MET A 108 -3.06 -0.92 -5.77
CA MET A 108 -2.88 -1.93 -6.80
C MET A 108 -2.04 -3.06 -6.21
N GLY A 109 -1.87 -4.15 -6.95
CA GLY A 109 -1.06 -5.24 -6.45
C GLY A 109 -1.06 -6.48 -7.30
N LEU A 110 -0.73 -7.60 -6.66
CA LEU A 110 -0.52 -8.87 -7.34
C LEU A 110 -1.31 -9.98 -6.68
N THR A 111 -1.96 -10.82 -7.47
CA THR A 111 -2.56 -12.05 -7.00
CA THR A 111 -2.51 -12.07 -6.96
C THR A 111 -2.11 -13.22 -7.87
N ASP A 112 -2.13 -14.42 -7.28
CA ASP A 112 -1.84 -15.65 -8.02
C ASP A 112 -0.49 -15.63 -8.74
N GLY A 113 0.46 -14.88 -8.20
CA GLY A 113 1.82 -14.87 -8.71
C GLY A 113 2.08 -13.99 -9.92
N ASN A 114 1.08 -13.84 -10.79
CA ASN A 114 1.28 -13.14 -12.05
C ASN A 114 0.12 -12.27 -12.54
N LYS A 115 -0.88 -12.07 -11.69
CA LYS A 115 -2.01 -11.22 -12.06
C LYS A 115 -1.95 -9.87 -11.38
N TYR A 116 -1.39 -8.89 -12.08
CA TYR A 116 -1.29 -7.52 -11.57
C TYR A 116 -2.56 -6.75 -11.89
N ARG A 117 -3.15 -6.11 -10.89
CA ARG A 117 -4.42 -5.40 -11.03
CA ARG A 117 -4.42 -5.43 -11.03
C ARG A 117 -4.52 -4.18 -10.14
N THR A 118 -5.41 -3.28 -10.55
CA THR A 118 -5.78 -2.14 -9.72
C THR A 118 -7.03 -2.56 -8.97
N LEU A 119 -7.09 -2.26 -7.68
CA LEU A 119 -8.28 -2.61 -6.92
C LEU A 119 -9.38 -1.59 -7.14
N THR A 120 -10.02 -1.68 -8.29
CA THR A 120 -11.07 -0.75 -8.68
C THR A 120 -12.37 -1.47 -8.93
N GLU A 121 -13.40 -0.73 -9.31
CA GLU A 121 -14.71 -1.30 -9.55
C GLU A 121 -15.20 -0.95 -10.97
N PRO A 122 -15.01 -1.88 -11.92
CA PRO A 122 -14.44 -3.22 -11.76
C PRO A 122 -12.91 -3.20 -11.71
N ARG A 123 -12.31 -4.26 -11.18
CA ARG A 123 -10.86 -4.42 -11.18
C ARG A 123 -10.31 -4.34 -12.60
N THR A 124 -9.16 -3.71 -12.76
CA THR A 124 -8.53 -3.61 -14.08
C THR A 124 -7.18 -4.31 -14.11
N ASN A 125 -6.96 -5.12 -15.14
CA ASN A 125 -5.72 -5.86 -15.28
C ASN A 125 -4.58 -5.00 -15.81
N LEU A 126 -3.41 -5.12 -15.19
CA LEU A 126 -2.23 -4.41 -15.65
C LEU A 126 -1.30 -5.36 -16.39
N LYS A 127 -0.72 -4.86 -17.46
CA LYS A 127 0.27 -5.61 -18.23
C LYS A 127 1.62 -5.00 -18.00
N LEU A 128 2.44 -5.68 -17.23
CA LEU A 128 3.79 -5.20 -16.94
C LEU A 128 4.82 -6.04 -17.69
N PRO A 129 5.78 -5.36 -18.34
CA PRO A 129 6.84 -6.01 -19.12
C PRO A 129 7.74 -6.89 -18.25
N LYS A 130 8.05 -6.41 -17.05
CA LYS A 130 8.80 -7.18 -16.07
C LYS A 130 8.02 -7.19 -14.76
N PRO A 131 8.16 -8.27 -13.97
CA PRO A 131 7.60 -8.28 -12.62
C PRO A 131 8.44 -7.38 -11.73
N PRO A 132 7.81 -6.41 -11.04
CA PRO A 132 8.57 -5.53 -10.14
C PRO A 132 9.00 -6.25 -8.86
N LYS A 133 10.18 -5.90 -8.36
CA LYS A 133 10.65 -6.44 -7.09
C LYS A 133 10.54 -5.35 -6.03
N LYS A 134 10.61 -4.11 -6.48
CA LYS A 134 10.48 -2.96 -5.61
C LYS A 134 9.57 -1.96 -6.27
N VAL A 135 8.59 -1.48 -5.52
CA VAL A 135 7.59 -0.56 -6.06
C VAL A 135 7.61 0.80 -5.36
N GLY A 136 7.67 1.87 -6.15
CA GLY A 136 7.59 3.21 -5.61
C GLY A 136 6.16 3.71 -5.60
N VAL A 137 5.67 4.19 -4.46
CA VAL A 137 4.33 4.73 -4.35
C VAL A 137 4.41 6.25 -4.16
N PHE A 138 3.78 6.95 -5.11
CA PHE A 138 3.90 8.40 -5.15
C PHE A 138 2.57 9.13 -5.00
N LEU A 139 2.54 10.11 -4.11
CA LEU A 139 1.32 10.85 -3.83
C LEU A 139 1.50 12.35 -4.09
N ASP A 140 0.65 12.89 -4.96
CA ASP A 140 0.55 14.33 -5.12
C ASP A 140 -0.86 14.71 -4.68
N TYR A 141 -0.99 15.18 -3.45
CA TYR A 141 -2.29 15.48 -2.86
C TYR A 141 -3.05 16.54 -3.65
N GLU A 142 -2.35 17.61 -4.03
CA GLU A 142 -2.98 18.74 -4.70
C GLU A 142 -3.54 18.40 -6.08
N THR A 143 -2.79 17.64 -6.86
CA THR A 143 -3.22 17.27 -8.21
C THR A 143 -4.13 16.05 -8.17
N GLY A 144 -4.08 15.34 -7.05
CA GLY A 144 -4.93 14.17 -6.85
C GLY A 144 -4.43 12.93 -7.56
N ASP A 145 -3.11 12.85 -7.72
CA ASP A 145 -2.49 11.72 -8.39
C ASP A 145 -1.81 10.75 -7.44
N ILE A 146 -2.14 9.48 -7.58
CA ILE A 146 -1.40 8.42 -6.91
C ILE A 146 -0.78 7.53 -7.96
N SER A 147 0.54 7.46 -7.94
CA SER A 147 1.25 6.79 -9.06
CA SER A 147 1.30 6.84 -9.02
C SER A 147 2.19 5.71 -8.50
N PHE A 148 2.30 4.63 -9.26
CA PHE A 148 3.13 3.50 -8.88
C PHE A 148 4.20 3.27 -9.95
N TYR A 149 5.44 3.07 -9.51
CA TYR A 149 6.54 2.82 -10.43
C TYR A 149 7.36 1.62 -10.01
N ASN A 150 7.96 0.95 -11.00
CA ASN A 150 9.01 -0.01 -10.73
C ASN A 150 10.22 0.78 -10.25
N ALA A 151 10.57 0.64 -8.98
CA ALA A 151 11.62 1.45 -8.37
C ALA A 151 13.04 1.05 -8.81
N VAL A 152 13.15 0.00 -9.62
CA VAL A 152 14.46 -0.41 -10.11
C VAL A 152 14.76 0.14 -11.51
N ASP A 153 13.80 0.06 -12.42
CA ASP A 153 14.01 0.58 -13.78
C ASP A 153 13.21 1.85 -14.10
N GLY A 154 12.42 2.31 -13.14
CA GLY A 154 11.69 3.55 -13.28
C GLY A 154 10.47 3.48 -14.19
N SER A 155 10.13 2.27 -14.64
CA SER A 155 8.98 2.09 -15.53
C SER A 155 7.65 2.33 -14.80
N HIS A 156 6.66 2.82 -15.54
CA HIS A 156 5.35 3.15 -14.99
C HIS A 156 4.50 1.89 -14.80
N ILE A 157 3.80 1.83 -13.67
CA ILE A 157 2.92 0.70 -13.39
C ILE A 157 1.45 1.12 -13.47
N HIS A 158 1.08 2.13 -12.68
CA HIS A 158 -0.27 2.66 -12.73
C HIS A 158 -0.38 4.04 -12.08
N THR A 159 -1.35 4.83 -12.53
CA THR A 159 -1.65 6.11 -11.90
C THR A 159 -3.15 6.30 -11.71
N PHE A 160 -3.56 6.55 -10.46
CA PHE A 160 -4.91 7.03 -10.19
C PHE A 160 -4.90 8.52 -10.46
N LEU A 161 -5.71 8.96 -11.42
CA LEU A 161 -5.65 10.34 -11.88
C LEU A 161 -6.76 11.22 -11.32
N ASP A 162 -6.40 12.47 -11.00
CA ASP A 162 -7.35 13.53 -10.72
C ASP A 162 -8.38 13.18 -9.65
N VAL A 163 -7.93 12.54 -8.57
CA VAL A 163 -8.82 12.23 -7.45
C VAL A 163 -8.98 13.48 -6.59
N SER A 164 -10.23 13.81 -6.26
CA SER A 164 -10.49 14.92 -5.36
C SER A 164 -10.40 14.44 -3.91
N PHE A 165 -9.20 14.46 -3.35
CA PHE A 165 -8.98 14.06 -1.97
C PHE A 165 -9.57 15.08 -1.01
N SER A 166 -10.25 14.55 -0.03
CA SER A 166 -10.71 15.36 1.06
C SER A 166 -10.12 14.96 2.40
N GLU A 167 -9.97 13.69 2.66
CA GLU A 167 -9.53 13.18 3.91
C GLU A 167 -8.04 13.03 3.90
N ALA A 168 -7.47 12.91 5.08
CA ALA A 168 -6.09 12.53 5.23
C ALA A 168 -5.84 11.10 4.65
N LEU A 169 -4.64 10.89 4.12
CA LEU A 169 -4.32 9.63 3.46
C LEU A 169 -3.20 8.89 4.18
N TYR A 170 -3.44 7.62 4.48
CA TYR A 170 -2.43 6.75 5.08
C TYR A 170 -1.86 5.81 4.03
N PRO A 171 -0.55 5.51 4.12
CA PRO A 171 -0.04 4.35 3.38
C PRO A 171 -0.73 3.11 3.89
N VAL A 172 -1.19 2.23 3.01
CA VAL A 172 -1.86 1.01 3.40
C VAL A 172 -1.19 -0.21 2.73
N PHE A 173 -1.20 -1.33 3.47
CA PHE A 173 -0.55 -2.54 2.99
C PHE A 173 -1.44 -3.74 3.31
N ARG A 174 -1.55 -4.66 2.36
CA ARG A 174 -2.40 -5.83 2.53
C ARG A 174 -1.73 -7.09 2.00
N ILE A 175 -1.71 -8.14 2.84
CA ILE A 175 -1.25 -9.45 2.40
C ILE A 175 -2.22 -10.53 2.87
N LEU A 176 -2.58 -11.43 1.95
CA LEU A 176 -3.55 -12.47 2.24
C LEU A 176 -2.88 -13.81 2.45
N THR A 177 -1.78 -14.04 1.75
CA THR A 177 -1.18 -15.36 1.68
C THR A 177 -0.13 -15.64 2.75
N LEU A 178 0.10 -16.92 2.99
CA LEU A 178 1.14 -17.39 3.89
C LEU A 178 2.32 -17.86 3.05
N GLU A 179 3.33 -17.01 2.90
CA GLU A 179 4.53 -17.36 2.13
C GLU A 179 5.81 -16.88 2.81
N PRO A 180 6.97 -17.47 2.46
CA PRO A 180 8.20 -17.15 3.18
C PRO A 180 8.71 -15.71 3.03
N THR A 181 8.34 -15.01 1.97
CA THR A 181 8.82 -13.63 1.77
C THR A 181 7.86 -12.61 2.34
N ALA A 182 8.39 -11.66 3.12
CA ALA A 182 7.58 -10.62 3.73
C ALA A 182 7.36 -9.43 2.79
N LEU A 183 6.52 -8.52 3.22
CA LEU A 183 6.35 -7.25 2.53
C LEU A 183 7.08 -6.16 3.35
N THR A 184 8.05 -5.49 2.75
CA THR A 184 8.99 -4.63 3.47
C THR A 184 9.12 -3.23 2.89
N ILE A 185 8.99 -2.24 3.76
CA ILE A 185 9.22 -0.84 3.43
C ILE A 185 10.71 -0.52 3.42
N CYS A 186 11.17 0.14 2.37
CA CYS A 186 12.52 0.63 2.32
C CYS A 186 12.64 1.93 3.10
N PRO A 187 13.68 2.05 3.91
CA PRO A 187 13.91 3.25 4.72
C PRO A 187 14.48 4.39 3.87
OAE 2JA B . -8.45 -8.79 -3.89
PAN 2JA B . -9.91 -8.09 -3.97
OAF 2JA B . -10.03 -7.60 -5.51
OAB 2JA B . -10.03 -6.97 -3.02
OAL 2JA B . -11.00 -9.26 -3.82
PAO 2JA B . -11.62 -9.76 -2.41
OAG 2JA B . -13.01 -10.51 -2.74
OAC 2JA B . -11.83 -8.67 -1.41
CAK 2JA B . -10.59 -10.95 -1.80
CAI 2JA B . -10.85 -12.25 -2.55
CAH 2JA B . -9.96 -13.24 -1.82
CAM 2JA B . -10.82 -14.04 -0.85
CAA 2JA B . -12.34 -13.82 -0.83
CAJ 2JA B . -10.22 -15.11 0.03
OAD 2JA B . -9.23 -14.46 0.81
C1 GOL C . -8.85 -10.16 3.36
O1 GOL C . -8.60 -8.77 3.36
C2 GOL C . -10.31 -10.42 3.72
O2 GOL C . -11.13 -9.81 2.76
C3 GOL C . -10.55 -11.93 3.75
O3 GOL C . -9.93 -12.46 4.89
#